data_9QUS
#
_entry.id   9QUS
#
_cell.length_a   47.751
_cell.length_b   47.796
_cell.length_c   196.022
_cell.angle_alpha   90.000
_cell.angle_beta   90.000
_cell.angle_gamma   90.000
#
_symmetry.space_group_name_H-M   'P 21 21 21'
#
loop_
_entity.id
_entity.type
_entity.pdbx_description
1 polymer 'Triosephosphate isomerase'
2 water water
#
_entity_poly.entity_id   1
_entity_poly.type   'polypeptide(L)'
_entity_poly.pdbx_seq_one_letter_code
;MRKNIVAGNWKMNLNFEEGQKLTSEIVNMIRDENIKDVSVVLNPPYVHLHPVKKLIGNTAGLFLGAQNCSDKTSGAYTGE
ISASMLASFGSTFVIIGHSERREYFKEDSALLTGKLTQALENGLTPIFCCGESLDIREAGTHEEYVKQQLTESLFGLSAT
DFAKIVIAYEPIWAIGTGKTASSDQAQEMHAAIRTHLASKYGQAAADEISILYGGSCNPGNAKEIFSKPDVDGGLIGGAS
LKSRDFLDIIKSF
;
_entity_poly.pdbx_strand_id   A,B
#
# COMPACT_ATOMS: atom_id res chain seq x y z
N MET A 1 0.40 29.86 17.16
CA MET A 1 0.15 29.82 15.70
C MET A 1 -0.34 28.43 15.26
N ARG A 2 -1.12 27.78 16.12
CA ARG A 2 -1.70 26.50 15.77
C ARG A 2 -2.60 26.65 14.54
N LYS A 3 -2.44 25.76 13.58
CA LYS A 3 -3.32 25.71 12.42
C LYS A 3 -4.51 24.81 12.71
N ASN A 4 -5.70 25.25 12.31
CA ASN A 4 -6.87 24.38 12.31
C ASN A 4 -6.83 23.51 11.06
N ILE A 5 -6.90 22.20 11.23
CA ILE A 5 -6.72 21.26 10.15
C ILE A 5 -7.93 20.35 10.04
N VAL A 6 -8.44 20.19 8.83
CA VAL A 6 -9.45 19.18 8.51
C VAL A 6 -8.79 18.21 7.54
N ALA A 7 -8.53 16.99 8.00
CA ALA A 7 -7.84 15.97 7.22
C ALA A 7 -8.82 14.83 6.94
N GLY A 8 -9.07 14.56 5.66
CA GLY A 8 -10.01 13.53 5.27
C GLY A 8 -9.37 12.21 4.90
N ASN A 9 -9.60 11.18 5.72
CA ASN A 9 -9.02 9.86 5.52
C ASN A 9 -10.06 8.99 4.81
N TRP A 10 -9.87 8.78 3.50
CA TRP A 10 -10.82 7.97 2.74
C TRP A 10 -10.78 6.51 3.16
N LYS A 11 -9.74 6.08 3.87
CA LYS A 11 -9.52 4.66 4.15
C LYS A 11 -9.49 3.94 2.80
N MET A 12 -9.84 2.66 2.78
CA MET A 12 -9.82 1.87 1.54
C MET A 12 -11.18 1.99 0.84
N ASN A 13 -11.42 3.17 0.28
CA ASN A 13 -12.67 3.47 -0.39
C ASN A 13 -12.41 4.26 -1.66
N LEU A 14 -13.24 4.00 -2.68
CA LEU A 14 -13.34 4.82 -3.88
C LEU A 14 -12.39 4.37 -4.99
N ASN A 15 -12.92 4.16 -6.19
CA ASN A 15 -12.11 3.87 -7.35
C ASN A 15 -11.61 5.17 -7.97
N PHE A 16 -10.91 5.04 -9.10
CA PHE A 16 -10.40 6.21 -9.80
C PHE A 16 -11.48 7.25 -10.03
N GLU A 17 -12.57 6.85 -10.67
CA GLU A 17 -13.60 7.81 -11.04
C GLU A 17 -14.28 8.42 -9.82
N GLU A 18 -14.48 7.62 -8.76
CA GLU A 18 -15.14 8.14 -7.56
C GLU A 18 -14.24 9.14 -6.83
N GLY A 19 -12.94 8.84 -6.74
CA GLY A 19 -12.03 9.77 -6.10
C GLY A 19 -11.88 11.07 -6.85
N GLN A 20 -12.02 11.04 -8.17
CA GLN A 20 -11.91 12.27 -8.95
C GLN A 20 -13.13 13.16 -8.77
N LYS A 21 -14.33 12.57 -8.80
CA LYS A 21 -15.53 13.39 -8.68
C LYS A 21 -15.69 13.92 -7.26
N LEU A 22 -15.38 13.11 -6.26
CA LEU A 22 -15.33 13.61 -4.89
C LEU A 22 -14.36 14.79 -4.78
N THR A 23 -13.16 14.61 -5.34
CA THR A 23 -12.14 15.66 -5.26
C THR A 23 -12.56 16.91 -6.02
N SER A 24 -13.11 16.74 -7.23
CA SER A 24 -13.55 17.90 -8.00
C SER A 24 -14.68 18.64 -7.31
N GLU A 25 -15.47 17.96 -6.48
CA GLU A 25 -16.50 18.64 -5.69
C GLU A 25 -15.90 19.40 -4.52
N ILE A 26 -14.95 18.78 -3.80
CA ILE A 26 -14.29 19.47 -2.69
C ILE A 26 -13.55 20.69 -3.20
N VAL A 27 -12.81 20.54 -4.30
CA VAL A 27 -12.02 21.65 -4.83
C VAL A 27 -12.93 22.79 -5.25
N ASN A 28 -14.02 22.48 -5.96
CA ASN A 28 -14.91 23.53 -6.45
C ASN A 28 -15.45 24.37 -5.29
N MET A 29 -15.89 23.71 -4.22
CA MET A 29 -16.51 24.44 -3.12
C MET A 29 -15.48 25.18 -2.27
N ILE A 30 -14.26 24.64 -2.16
CA ILE A 30 -13.21 25.37 -1.47
C ILE A 30 -12.84 26.63 -2.24
N ARG A 31 -12.73 26.52 -3.56
CA ARG A 31 -12.42 27.69 -4.38
C ARG A 31 -13.56 28.71 -4.34
N ASP A 32 -14.80 28.24 -4.50
CA ASP A 32 -15.93 29.16 -4.63
C ASP A 32 -16.25 29.85 -3.32
N GLU A 33 -16.26 29.10 -2.21
CA GLU A 33 -16.53 29.70 -0.91
C GLU A 33 -15.32 30.42 -0.34
N ASN A 34 -14.16 30.33 -1.00
CA ASN A 34 -12.96 31.08 -0.60
C ASN A 34 -12.57 30.76 0.85
N ILE A 35 -12.49 29.47 1.16
CA ILE A 35 -12.05 29.03 2.48
C ILE A 35 -10.62 29.51 2.70
N LYS A 36 -10.38 30.16 3.85
CA LYS A 36 -9.16 30.92 4.03
C LYS A 36 -8.33 30.51 5.24
N ASP A 37 -8.95 30.15 6.37
CA ASP A 37 -8.20 29.93 7.61
C ASP A 37 -8.19 28.47 8.04
N VAL A 38 -8.35 27.54 7.11
CA VAL A 38 -8.34 26.11 7.43
C VAL A 38 -7.41 25.39 6.49
N SER A 39 -6.58 24.49 7.04
CA SER A 39 -5.78 23.56 6.24
C SER A 39 -6.64 22.34 5.96
N VAL A 40 -6.86 22.05 4.68
CA VAL A 40 -7.68 20.92 4.25
C VAL A 40 -6.77 19.90 3.59
N VAL A 41 -6.78 18.68 4.12
CA VAL A 41 -5.91 17.61 3.63
C VAL A 41 -6.80 16.45 3.17
N LEU A 42 -6.56 15.98 1.95
CA LEU A 42 -7.19 14.77 1.44
C LEU A 42 -6.17 13.64 1.51
N ASN A 43 -6.49 12.59 2.25
CA ASN A 43 -5.64 11.41 2.33
C ASN A 43 -6.30 10.27 1.58
N PRO A 44 -6.21 10.25 0.25
CA PRO A 44 -6.80 9.14 -0.51
C PRO A 44 -5.87 7.95 -0.53
N PRO A 45 -6.33 6.82 -1.03
CA PRO A 45 -5.43 5.68 -1.24
C PRO A 45 -4.26 6.05 -2.14
N TYR A 46 -3.20 5.23 -2.06
CA TYR A 46 -1.99 5.51 -2.81
C TYR A 46 -2.27 5.79 -4.28
N VAL A 47 -3.16 5.00 -4.88
CA VAL A 47 -3.31 5.02 -6.33
C VAL A 47 -3.85 6.36 -6.82
N HIS A 48 -4.56 7.10 -5.95
CA HIS A 48 -5.20 8.33 -6.37
C HIS A 48 -4.29 9.56 -6.32
N LEU A 49 -3.14 9.46 -5.65
CA LEU A 49 -2.36 10.66 -5.36
C LEU A 49 -2.09 11.47 -6.62
N HIS A 50 -1.64 10.81 -7.68
CA HIS A 50 -1.22 11.53 -8.87
C HIS A 50 -2.35 12.32 -9.51
N PRO A 51 -3.52 11.73 -9.80
CA PRO A 51 -4.62 12.54 -10.36
C PRO A 51 -5.24 13.51 -9.38
N VAL A 52 -5.26 13.17 -8.08
CA VAL A 52 -5.83 14.09 -7.09
C VAL A 52 -4.97 15.35 -6.98
N LYS A 53 -3.65 15.19 -7.03
CA LYS A 53 -2.76 16.35 -6.96
C LYS A 53 -3.05 17.33 -8.10
N LYS A 54 -3.33 16.80 -9.29
CA LYS A 54 -3.66 17.66 -10.42
C LYS A 54 -4.92 18.48 -10.14
N LEU A 55 -5.98 17.82 -9.67
CA LEU A 55 -7.23 18.52 -9.40
C LEU A 55 -7.05 19.58 -8.33
N ILE A 56 -6.32 19.25 -7.26
CA ILE A 56 -6.06 20.24 -6.21
C ILE A 56 -5.47 21.50 -6.81
N GLY A 57 -4.60 21.35 -7.81
CA GLY A 57 -4.03 22.50 -8.48
C GLY A 57 -3.35 23.44 -7.50
N ASN A 58 -3.50 24.74 -7.75
CA ASN A 58 -3.01 25.76 -6.84
C ASN A 58 -4.08 26.24 -5.87
N THR A 59 -5.04 25.38 -5.53
CA THR A 59 -6.06 25.74 -4.56
C THR A 59 -5.41 26.05 -3.22
N ALA A 60 -5.68 27.24 -2.69
CA ALA A 60 -5.08 27.65 -1.44
C ALA A 60 -5.60 26.80 -0.29
N GLY A 61 -4.71 26.48 0.65
CA GLY A 61 -5.11 25.77 1.85
C GLY A 61 -5.66 24.38 1.63
N LEU A 62 -5.38 23.78 0.47
CA LEU A 62 -5.82 22.43 0.16
C LEU A 62 -4.59 21.62 -0.20
N PHE A 63 -4.38 20.52 0.51
CA PHE A 63 -3.14 19.77 0.44
C PHE A 63 -3.42 18.29 0.24
N LEU A 64 -2.42 17.60 -0.28
CA LEU A 64 -2.50 16.16 -0.53
C LEU A 64 -1.72 15.41 0.54
N GLY A 65 -2.32 14.33 1.06
CA GLY A 65 -1.67 13.51 2.05
C GLY A 65 -1.49 12.08 1.60
N ALA A 66 -1.62 11.16 2.54
CA ALA A 66 -1.54 9.72 2.29
C ALA A 66 -1.91 9.03 3.58
N GLN A 67 -2.19 7.72 3.48
CA GLN A 67 -2.70 6.97 4.62
C GLN A 67 -1.65 6.12 5.33
N ASN A 68 -0.43 6.07 4.81
CA ASN A 68 0.61 5.24 5.39
C ASN A 68 1.88 5.43 4.56
N CYS A 69 3.01 5.07 5.15
CA CYS A 69 4.27 5.02 4.41
C CYS A 69 5.19 4.01 5.08
N SER A 70 6.20 3.59 4.33
CA SER A 70 7.14 2.59 4.81
C SER A 70 8.11 3.21 5.80
N ASP A 71 8.63 2.36 6.70
CA ASP A 71 9.73 2.77 7.57
C ASP A 71 11.08 2.67 6.88
N LYS A 72 11.13 2.10 5.68
CA LYS A 72 12.36 1.96 4.91
C LYS A 72 12.42 3.00 3.79
N THR A 73 13.63 3.26 3.32
CA THR A 73 13.85 4.28 2.30
C THR A 73 13.45 3.78 0.91
N SER A 74 13.84 2.55 0.59
CA SER A 74 13.57 1.96 -0.72
C SER A 74 14.14 0.54 -0.71
N GLY A 75 13.76 -0.24 -1.73
CA GLY A 75 14.37 -1.53 -1.95
C GLY A 75 13.33 -2.65 -2.00
N ALA A 76 13.75 -3.82 -1.51
CA ALA A 76 13.00 -5.07 -1.73
C ALA A 76 11.94 -5.23 -0.65
N TYR A 77 10.88 -4.43 -0.78
CA TYR A 77 9.73 -4.48 0.11
C TYR A 77 8.49 -4.39 -0.79
N THR A 78 8.26 -5.46 -1.54
CA THR A 78 7.15 -5.52 -2.49
C THR A 78 5.84 -5.10 -1.83
N GLY A 79 5.11 -4.23 -2.52
CA GLY A 79 3.84 -3.74 -2.03
C GLY A 79 3.89 -2.46 -1.23
N GLU A 80 5.07 -2.05 -0.77
CA GLU A 80 5.20 -0.93 0.15
C GLU A 80 5.51 0.37 -0.59
N ILE A 81 5.12 1.48 0.03
CA ILE A 81 5.28 2.81 -0.54
C ILE A 81 6.11 3.65 0.41
N SER A 82 7.12 4.33 -0.13
CA SER A 82 8.06 5.09 0.68
C SER A 82 7.65 6.56 0.76
N ALA A 83 8.22 7.26 1.75
CA ALA A 83 7.93 8.68 1.93
C ALA A 83 8.43 9.50 0.75
N SER A 84 9.59 9.13 0.18
CA SER A 84 10.10 9.84 -0.99
C SER A 84 9.15 9.69 -2.16
N MET A 85 8.59 8.50 -2.35
CA MET A 85 7.56 8.32 -3.36
C MET A 85 6.40 9.28 -3.14
N LEU A 86 5.87 9.31 -1.92
CA LEU A 86 4.76 10.20 -1.61
C LEU A 86 5.13 11.66 -1.91
N ALA A 87 6.26 12.12 -1.38
CA ALA A 87 6.70 13.48 -1.68
C ALA A 87 6.79 13.71 -3.19
N SER A 88 7.26 12.70 -3.91
CA SER A 88 7.41 12.83 -5.37
C SER A 88 6.07 13.03 -6.06
N PHE A 89 4.99 12.46 -5.51
CA PHE A 89 3.68 12.52 -6.13
C PHE A 89 2.81 13.63 -5.56
N GLY A 90 3.38 14.54 -4.78
CA GLY A 90 2.66 15.71 -4.33
C GLY A 90 2.18 15.68 -2.90
N SER A 91 2.39 14.59 -2.18
CA SER A 91 1.97 14.52 -0.79
C SER A 91 2.86 15.40 0.08
N THR A 92 2.23 16.19 0.95
CA THR A 92 2.93 16.93 1.99
C THR A 92 2.49 16.53 3.39
N PHE A 93 1.51 15.62 3.51
CA PHE A 93 1.11 15.02 4.77
C PHE A 93 1.14 13.50 4.60
N VAL A 94 1.09 12.80 5.74
CA VAL A 94 0.91 11.35 5.73
C VAL A 94 0.42 10.89 7.09
N ILE A 95 -0.65 10.09 7.10
CA ILE A 95 -1.13 9.49 8.33
C ILE A 95 -0.18 8.38 8.74
N ILE A 96 0.18 8.34 10.03
CA ILE A 96 1.05 7.32 10.56
C ILE A 96 0.45 6.78 11.85
N GLY A 97 0.42 5.46 11.98
CA GLY A 97 -0.05 4.84 13.21
C GLY A 97 -1.54 4.80 13.40
N HIS A 98 -2.30 4.83 12.30
CA HIS A 98 -3.76 4.74 12.41
C HIS A 98 -4.16 3.46 13.13
N SER A 99 -5.26 3.54 13.88
CA SER A 99 -5.69 2.42 14.70
C SER A 99 -5.91 1.16 13.86
N GLU A 100 -6.42 1.33 12.64
CA GLU A 100 -6.70 0.18 11.78
C GLU A 100 -5.43 -0.51 11.29
N ARG A 101 -4.31 0.20 11.22
CA ARG A 101 -3.05 -0.45 10.89
C ARG A 101 -2.38 -1.05 12.12
N ARG A 102 -2.48 -0.37 13.26
CA ARG A 102 -2.02 -0.98 14.51
C ARG A 102 -2.72 -2.30 14.77
N GLU A 103 -4.01 -2.40 14.40
CA GLU A 103 -4.77 -3.62 14.65
C GLU A 103 -4.47 -4.68 13.60
N TYR A 104 -4.79 -4.40 12.33
CA TYR A 104 -4.75 -5.42 11.30
C TYR A 104 -3.34 -5.77 10.83
N PHE A 105 -2.38 -4.87 11.01
CA PHE A 105 -1.01 -5.10 10.61
C PHE A 105 -0.04 -4.94 11.77
N LYS A 106 -0.55 -4.86 12.99
CA LYS A 106 0.27 -4.99 14.21
C LYS A 106 1.44 -4.01 14.19
N GLU A 107 1.16 -2.79 13.71
CA GLU A 107 2.17 -1.74 13.70
C GLU A 107 2.43 -1.27 15.13
N ASP A 108 3.65 -1.49 15.61
CA ASP A 108 4.04 -1.13 16.98
C ASP A 108 4.83 0.17 17.00
N SER A 109 5.06 0.69 18.21
CA SER A 109 5.68 1.99 18.35
C SER A 109 7.08 2.02 17.74
N ALA A 110 7.77 0.88 17.73
CA ALA A 110 9.11 0.84 17.13
C ALA A 110 9.05 1.00 15.61
N LEU A 111 8.01 0.46 14.98
CA LEU A 111 7.86 0.63 13.54
C LEU A 111 7.44 2.05 13.19
N LEU A 112 6.46 2.60 13.92
CA LEU A 112 5.95 3.93 13.60
C LEU A 112 7.05 4.99 13.68
N THR A 113 8.02 4.80 14.56
CA THR A 113 9.16 5.71 14.61
C THR A 113 9.87 5.75 13.26
N GLY A 114 10.17 4.57 12.70
CA GLY A 114 10.78 4.52 11.40
C GLY A 114 9.99 5.28 10.35
N LYS A 115 8.67 5.03 10.31
CA LYS A 115 7.81 5.78 9.40
C LYS A 115 7.93 7.28 9.65
N LEU A 116 7.97 7.67 10.93
CA LEU A 116 8.10 9.09 11.27
C LEU A 116 9.41 9.65 10.73
N THR A 117 10.53 8.94 10.98
CA THR A 117 11.81 9.37 10.45
C THR A 117 11.72 9.60 8.94
N GLN A 118 11.16 8.64 8.21
CA GLN A 118 11.07 8.76 6.76
C GLN A 118 10.20 9.95 6.35
N ALA A 119 9.08 10.16 7.04
CA ALA A 119 8.17 11.24 6.68
C ALA A 119 8.87 12.60 6.79
N LEU A 120 9.43 12.90 7.96
CA LEU A 120 10.10 14.18 8.15
C LEU A 120 11.30 14.32 7.21
N GLU A 121 12.06 13.24 7.04
CA GLU A 121 13.22 13.27 6.14
C GLU A 121 12.82 13.75 4.76
N ASN A 122 11.60 13.46 4.32
CA ASN A 122 11.15 13.75 2.97
C ASN A 122 10.18 14.92 2.91
N GLY A 123 10.12 15.74 3.96
CA GLY A 123 9.33 16.94 3.91
C GLY A 123 7.84 16.74 4.09
N LEU A 124 7.42 15.62 4.68
CA LEU A 124 6.01 15.34 4.90
C LEU A 124 5.64 15.71 6.33
N THR A 125 4.43 16.23 6.52
CA THR A 125 3.89 16.50 7.84
C THR A 125 3.20 15.23 8.34
N PRO A 126 3.77 14.52 9.31
CA PRO A 126 3.12 13.27 9.75
C PRO A 126 1.92 13.58 10.65
N ILE A 127 0.80 12.92 10.36
CA ILE A 127 -0.39 12.96 11.21
C ILE A 127 -0.29 11.70 12.07
N PHE A 128 0.35 11.82 13.23
CA PHE A 128 0.57 10.67 14.10
C PHE A 128 -0.71 10.37 14.86
N CYS A 129 -1.19 9.13 14.76
CA CYS A 129 -2.44 8.73 15.38
C CYS A 129 -2.17 7.97 16.67
N CYS A 130 -3.08 8.16 17.63
CA CYS A 130 -3.02 7.48 18.92
C CYS A 130 -4.43 7.37 19.47
N GLY A 131 -4.59 6.49 20.45
CA GLY A 131 -5.90 6.26 21.04
C GLY A 131 -5.90 4.96 21.81
N GLU A 132 -6.98 4.78 22.58
CA GLU A 132 -7.12 3.61 23.45
C GLU A 132 -8.43 2.88 23.15
N SER A 133 -8.40 1.56 23.23
CA SER A 133 -9.55 0.73 22.96
C SER A 133 -10.48 0.68 24.17
N LEU A 134 -11.60 -0.02 24.01
CA LEU A 134 -12.60 -0.08 25.07
C LEU A 134 -12.06 -0.84 26.28
N ASP A 135 -11.26 -1.87 26.05
CA ASP A 135 -10.70 -2.63 27.17
C ASP A 135 -9.76 -1.78 28.01
N ILE A 136 -9.10 -0.80 27.39
CA ILE A 136 -8.22 0.08 28.16
C ILE A 136 -9.05 1.04 29.01
N ARG A 137 -10.14 1.58 28.46
CA ARG A 137 -11.03 2.42 29.24
C ARG A 137 -11.54 1.67 30.47
N GLU A 138 -12.03 0.44 30.27
CA GLU A 138 -12.54 -0.35 31.37
C GLU A 138 -11.44 -0.69 32.38
N ALA A 139 -10.19 -0.74 31.93
CA ALA A 139 -9.08 -0.98 32.84
C ALA A 139 -8.77 0.24 33.70
N GLY A 140 -9.19 1.42 33.25
CA GLY A 140 -8.85 2.64 33.96
C GLY A 140 -7.49 3.22 33.62
N THR A 141 -6.94 2.84 32.48
CA THR A 141 -5.58 3.22 32.10
C THR A 141 -5.55 3.99 30.78
N HIS A 142 -6.65 4.68 30.45
CA HIS A 142 -6.76 5.26 29.11
C HIS A 142 -5.73 6.37 28.90
N GLU A 143 -5.58 7.27 29.87
CA GLU A 143 -4.67 8.40 29.68
C GLU A 143 -3.21 7.93 29.60
N GLU A 144 -2.80 7.01 30.48
CA GLU A 144 -1.41 6.58 30.46
C GLU A 144 -1.11 5.70 29.24
N TYR A 145 -2.09 4.92 28.79
CA TYR A 145 -1.90 4.11 27.58
C TYR A 145 -1.61 5.01 26.38
N VAL A 146 -2.42 6.06 26.21
CA VAL A 146 -2.21 6.97 25.09
C VAL A 146 -0.88 7.71 25.24
N LYS A 147 -0.56 8.14 26.46
CA LYS A 147 0.72 8.82 26.67
C LYS A 147 1.89 7.91 26.34
N GLN A 148 1.77 6.63 26.69
CA GLN A 148 2.86 5.69 26.39
C GLN A 148 3.06 5.56 24.88
N GLN A 149 1.96 5.50 24.12
CA GLN A 149 2.07 5.54 22.67
C GLN A 149 2.90 6.74 22.22
N LEU A 150 2.59 7.92 22.76
CA LEU A 150 3.28 9.13 22.36
C LEU A 150 4.74 9.10 22.80
N THR A 151 4.98 8.71 24.06
CA THR A 151 6.35 8.58 24.54
C THR A 151 7.16 7.64 23.66
N GLU A 152 6.61 6.46 23.37
CA GLU A 152 7.39 5.42 22.69
C GLU A 152 7.77 5.84 21.28
N SER A 153 6.91 6.57 20.58
CA SER A 153 7.15 6.85 19.18
C SER A 153 7.66 8.27 18.91
N LEU A 154 7.41 9.22 19.81
CA LEU A 154 7.66 10.62 19.49
C LEU A 154 8.82 11.26 20.25
N PHE A 155 9.14 10.77 21.45
CA PHE A 155 10.11 11.46 22.30
C PHE A 155 11.55 11.22 21.89
N GLY A 156 11.80 10.37 20.89
CA GLY A 156 13.11 10.32 20.29
C GLY A 156 13.39 11.43 19.32
N LEU A 157 12.41 12.31 19.09
CA LEU A 157 12.51 13.32 18.06
C LEU A 157 13.20 14.57 18.58
N SER A 158 13.99 15.20 17.70
CA SER A 158 14.58 16.48 18.02
C SER A 158 13.50 17.55 18.19
N ALA A 159 13.86 18.63 18.88
CA ALA A 159 12.93 19.75 19.01
C ALA A 159 12.45 20.24 17.66
N THR A 160 13.36 20.34 16.69
CA THR A 160 12.97 20.84 15.37
C THR A 160 12.10 19.83 14.62
N ASP A 161 12.34 18.53 14.82
CA ASP A 161 11.49 17.53 14.20
C ASP A 161 10.14 17.43 14.88
N PHE A 162 10.08 17.63 16.19
CA PHE A 162 8.80 17.58 16.87
C PHE A 162 7.89 18.69 16.40
N ALA A 163 8.44 19.87 16.09
CA ALA A 163 7.62 20.99 15.68
C ALA A 163 6.86 20.72 14.40
N LYS A 164 7.27 19.71 13.64
CA LYS A 164 6.70 19.43 12.32
C LYS A 164 5.61 18.38 12.35
N ILE A 165 5.17 17.95 13.53
CA ILE A 165 4.25 16.82 13.64
C ILE A 165 2.84 17.32 13.87
N VAL A 166 1.87 16.50 13.48
CA VAL A 166 0.46 16.68 13.80
C VAL A 166 -0.02 15.44 14.53
N ILE A 167 -0.87 15.63 15.53
CA ILE A 167 -1.40 14.54 16.34
C ILE A 167 -2.88 14.34 16.01
N ALA A 168 -3.30 13.08 15.97
CA ALA A 168 -4.72 12.72 15.87
C ALA A 168 -5.04 11.78 17.01
N TYR A 169 -6.11 12.05 17.74
CA TYR A 169 -6.56 11.18 18.81
C TYR A 169 -7.75 10.37 18.33
N GLU A 170 -7.60 9.04 18.32
CA GLU A 170 -8.68 8.15 17.94
C GLU A 170 -9.31 7.56 19.19
N PRO A 171 -10.52 7.95 19.56
CA PRO A 171 -11.19 7.23 20.68
C PRO A 171 -11.71 5.87 20.24
N ILE A 172 -10.78 4.94 20.05
CA ILE A 172 -11.15 3.60 19.58
C ILE A 172 -12.22 3.00 20.46
N TRP A 173 -12.21 3.33 21.75
CA TRP A 173 -13.25 2.86 22.67
C TRP A 173 -14.63 3.39 22.32
N ALA A 174 -14.71 4.41 21.47
CA ALA A 174 -15.97 5.07 21.14
C ALA A 174 -16.23 5.05 19.64
N ILE A 175 -15.67 4.07 18.93
CA ILE A 175 -15.83 3.93 17.49
C ILE A 175 -16.39 2.54 17.25
N GLY A 176 -17.69 2.45 17.02
CA GLY A 176 -18.32 1.17 16.72
C GLY A 176 -18.46 0.26 17.91
N THR A 177 -18.49 0.80 19.12
CA THR A 177 -18.60 0.00 20.33
C THR A 177 -19.92 0.14 21.04
N GLY A 178 -20.70 1.17 20.72
CA GLY A 178 -21.88 1.53 21.48
C GLY A 178 -21.64 2.59 22.52
N LYS A 179 -20.37 2.94 22.77
CA LYS A 179 -20.03 4.04 23.66
C LYS A 179 -19.90 5.32 22.85
N THR A 180 -20.13 6.45 23.52
CA THR A 180 -20.05 7.76 22.90
C THR A 180 -19.06 8.63 23.67
N ALA A 181 -18.27 9.41 22.93
CA ALA A 181 -17.32 10.35 23.51
C ALA A 181 -17.86 11.76 23.33
N SER A 182 -18.11 12.44 24.44
CA SER A 182 -18.60 13.81 24.38
C SER A 182 -17.47 14.74 23.95
N SER A 183 -17.86 15.97 23.57
CA SER A 183 -16.85 16.97 23.20
C SER A 183 -15.97 17.33 24.40
N ASP A 184 -16.49 17.18 25.63
CA ASP A 184 -15.66 17.43 26.79
C ASP A 184 -14.67 16.29 27.02
N GLN A 185 -15.12 15.05 26.84
CA GLN A 185 -14.20 13.92 26.94
C GLN A 185 -13.08 14.05 25.91
N ALA A 186 -13.42 14.49 24.68
CA ALA A 186 -12.40 14.71 23.66
C ALA A 186 -11.43 15.80 24.09
N GLN A 187 -11.97 16.93 24.54
CA GLN A 187 -11.14 17.99 25.10
C GLN A 187 -10.22 17.45 26.19
N GLU A 188 -10.79 16.68 27.12
CA GLU A 188 -10.00 16.14 28.22
C GLU A 188 -8.81 15.34 27.73
N MET A 189 -9.02 14.49 26.72
CA MET A 189 -7.91 13.70 26.18
C MET A 189 -6.95 14.58 25.39
N HIS A 190 -7.47 15.53 24.61
CA HIS A 190 -6.60 16.44 23.87
C HIS A 190 -5.74 17.26 24.83
N ALA A 191 -6.32 17.69 25.95
CA ALA A 191 -5.55 18.45 26.93
C ALA A 191 -4.51 17.57 27.59
N ALA A 192 -4.88 16.33 27.93
CA ALA A 192 -3.90 15.39 28.48
C ALA A 192 -2.75 15.17 27.51
N ILE A 193 -3.05 15.10 26.22
CA ILE A 193 -2.01 14.90 25.22
C ILE A 193 -1.07 16.08 25.18
N ARG A 194 -1.62 17.29 25.07
CA ARG A 194 -0.77 18.49 24.98
C ARG A 194 0.16 18.59 26.16
N THR A 195 -0.38 18.45 27.38
CA THR A 195 0.46 18.50 28.57
C THR A 195 1.53 17.42 28.53
N HIS A 196 1.22 16.25 27.97
CA HIS A 196 2.23 15.21 27.88
C HIS A 196 3.29 15.56 26.84
N LEU A 197 2.90 16.18 25.73
CA LEU A 197 3.89 16.65 24.77
C LEU A 197 4.72 17.78 25.36
N ALA A 198 4.14 18.61 26.23
CA ALA A 198 4.88 19.68 26.87
C ALA A 198 5.87 19.16 27.89
N SER A 199 5.67 17.95 28.43
CA SER A 199 6.63 17.41 29.38
C SER A 199 8.02 17.36 28.78
N LYS A 200 8.14 16.99 27.50
CA LYS A 200 9.43 16.86 26.85
C LYS A 200 9.86 18.14 26.15
N TYR A 201 8.93 18.80 25.46
CA TYR A 201 9.28 19.88 24.54
C TYR A 201 8.87 21.26 25.03
N GLY A 202 8.25 21.36 26.18
CA GLY A 202 7.85 22.66 26.69
C GLY A 202 6.46 23.07 26.21
N GLN A 203 5.83 23.94 27.01
CA GLN A 203 4.46 24.33 26.71
C GLN A 203 4.38 25.14 25.42
N ALA A 204 5.31 26.07 25.22
CA ALA A 204 5.30 26.87 23.99
C ALA A 204 5.28 25.98 22.76
N ALA A 205 6.20 25.02 22.68
CA ALA A 205 6.23 24.12 21.53
C ALA A 205 4.97 23.26 21.47
N ALA A 206 4.54 22.72 22.61
CA ALA A 206 3.31 21.94 22.63
C ALA A 206 2.11 22.77 22.23
N ASP A 207 2.12 24.07 22.56
CA ASP A 207 1.03 24.96 22.18
C ASP A 207 1.02 25.30 20.70
N GLU A 208 2.01 24.82 19.94
CA GLU A 208 2.09 25.02 18.49
C GLU A 208 1.57 23.81 17.71
N ILE A 209 1.31 22.70 18.37
CA ILE A 209 1.00 21.44 17.69
C ILE A 209 -0.51 21.36 17.47
N SER A 210 -0.91 21.01 16.25
CA SER A 210 -2.32 20.76 15.95
C SER A 210 -2.67 19.34 16.40
N ILE A 211 -3.59 19.23 17.34
CA ILE A 211 -4.08 17.95 17.84
C ILE A 211 -5.50 17.79 17.30
N LEU A 212 -5.69 16.81 16.42
CA LEU A 212 -6.96 16.63 15.73
C LEU A 212 -7.78 15.52 16.36
N TYR A 213 -9.09 15.74 16.43
CA TYR A 213 -10.00 14.72 16.94
C TYR A 213 -10.23 13.67 15.86
N GLY A 214 -10.02 12.41 16.22
CA GLY A 214 -10.18 11.31 15.29
C GLY A 214 -11.39 10.43 15.51
N GLY A 215 -12.28 10.82 16.42
CA GLY A 215 -13.51 10.07 16.64
C GLY A 215 -14.58 10.46 15.63
N SER A 216 -15.81 10.05 15.95
CA SER A 216 -16.96 10.40 15.14
C SER A 216 -17.06 11.92 15.02
N CYS A 217 -16.80 12.43 13.82
CA CYS A 217 -16.72 13.86 13.57
C CYS A 217 -17.38 14.13 12.23
N ASN A 218 -18.40 14.97 12.25
CA ASN A 218 -19.27 15.17 11.10
C ASN A 218 -20.07 16.44 11.24
N PRO A 219 -20.83 16.86 10.23
CA PRO A 219 -21.56 18.13 10.33
C PRO A 219 -22.46 18.24 11.55
N GLY A 220 -22.86 17.10 12.13
CA GLY A 220 -23.75 17.14 13.28
C GLY A 220 -23.10 17.58 14.57
N ASN A 221 -21.78 17.42 14.69
CA ASN A 221 -21.10 17.75 15.93
C ASN A 221 -19.77 18.46 15.74
N ALA A 222 -19.41 18.85 14.51
CA ALA A 222 -18.09 19.43 14.28
C ALA A 222 -17.89 20.70 15.08
N LYS A 223 -18.86 21.62 15.01
CA LYS A 223 -18.69 22.92 15.66
C LYS A 223 -18.43 22.77 17.15
N GLU A 224 -19.19 21.90 17.82
CA GLU A 224 -19.01 21.74 19.26
C GLU A 224 -17.65 21.14 19.58
N ILE A 225 -17.22 20.13 18.81
CA ILE A 225 -15.93 19.49 19.06
C ILE A 225 -14.80 20.47 18.78
N PHE A 226 -14.85 21.14 17.62
CA PHE A 226 -13.78 22.05 17.25
C PHE A 226 -13.69 23.25 18.18
N SER A 227 -14.80 23.63 18.79
CA SER A 227 -14.80 24.78 19.69
C SER A 227 -13.95 24.54 20.92
N LYS A 228 -13.59 23.29 21.21
CA LYS A 228 -12.83 22.98 22.40
C LYS A 228 -11.39 23.49 22.27
N PRO A 229 -10.83 24.09 23.33
CA PRO A 229 -9.55 24.80 23.16
C PRO A 229 -8.41 23.93 22.66
N ASP A 230 -8.33 22.67 23.08
CA ASP A 230 -7.23 21.79 22.70
C ASP A 230 -7.58 20.90 21.50
N VAL A 231 -8.73 21.11 20.89
CA VAL A 231 -9.10 20.43 19.65
C VAL A 231 -8.86 21.41 18.50
N ASP A 232 -7.98 21.04 17.57
CA ASP A 232 -7.54 21.93 16.50
C ASP A 232 -8.05 21.46 15.14
N GLY A 233 -9.11 20.66 15.11
CA GLY A 233 -9.65 20.12 13.89
C GLY A 233 -9.98 18.67 14.05
N GLY A 234 -10.07 17.97 12.94
CA GLY A 234 -10.47 16.58 12.94
C GLY A 234 -9.76 15.76 11.89
N LEU A 235 -9.57 14.49 12.21
CA LEU A 235 -9.17 13.46 11.25
C LEU A 235 -10.46 12.71 10.94
N ILE A 236 -11.02 12.97 9.77
CA ILE A 236 -12.40 12.62 9.46
C ILE A 236 -12.46 11.27 8.75
N GLY A 237 -13.43 10.46 9.16
CA GLY A 237 -13.66 9.19 8.52
C GLY A 237 -14.68 9.26 7.40
N GLY A 238 -15.83 8.61 7.60
CA GLY A 238 -16.78 8.46 6.52
C GLY A 238 -17.20 9.76 5.86
N ALA A 239 -17.26 10.84 6.63
CA ALA A 239 -17.67 12.13 6.06
C ALA A 239 -16.67 12.63 5.01
N SER A 240 -15.46 12.08 5.01
CA SER A 240 -14.50 12.42 3.96
C SER A 240 -15.06 12.11 2.58
N LEU A 241 -15.91 11.08 2.48
CA LEU A 241 -16.37 10.59 1.19
C LEU A 241 -17.58 11.35 0.64
N LYS A 242 -18.14 12.29 1.40
CA LYS A 242 -19.27 13.11 0.96
C LYS A 242 -18.82 14.56 0.93
N SER A 243 -18.78 15.16 -0.26
CA SER A 243 -18.17 16.47 -0.41
C SER A 243 -18.89 17.53 0.42
N ARG A 244 -20.21 17.43 0.54
CA ARG A 244 -20.97 18.43 1.30
C ARG A 244 -20.68 18.30 2.79
N ASP A 245 -20.70 17.07 3.32
CA ASP A 245 -20.35 16.88 4.72
C ASP A 245 -18.93 17.37 5.01
N PHE A 246 -17.98 17.03 4.14
CA PHE A 246 -16.60 17.44 4.34
C PHE A 246 -16.48 18.96 4.37
N LEU A 247 -17.21 19.65 3.50
CA LEU A 247 -17.17 21.11 3.50
C LEU A 247 -17.86 21.70 4.72
N ASP A 248 -18.95 21.07 5.19
CA ASP A 248 -19.62 21.55 6.39
C ASP A 248 -18.70 21.46 7.60
N ILE A 249 -17.91 20.39 7.70
CA ILE A 249 -16.94 20.27 8.78
C ILE A 249 -15.88 21.36 8.65
N ILE A 250 -15.38 21.58 7.43
CA ILE A 250 -14.37 22.61 7.20
C ILE A 250 -14.87 23.96 7.70
N LYS A 251 -16.17 24.23 7.56
CA LYS A 251 -16.74 25.52 7.92
C LYS A 251 -17.27 25.54 9.35
N SER A 252 -16.87 24.60 10.19
CA SER A 252 -17.43 24.45 11.53
C SER A 252 -16.54 25.00 12.64
N PHE A 253 -15.46 25.68 12.30
CA PHE A 253 -14.62 26.32 13.33
C PHE A 253 -15.23 27.64 13.76
N MET B 1 -1.80 -24.48 -24.59
CA MET B 1 -0.78 -23.46 -24.99
C MET B 1 -0.63 -22.38 -23.93
N ARG B 2 0.45 -22.47 -23.17
CA ARG B 2 0.74 -21.45 -22.17
C ARG B 2 1.18 -20.15 -22.85
N LYS B 3 1.15 -19.08 -22.06
CA LYS B 3 1.73 -17.81 -22.47
C LYS B 3 3.10 -17.66 -21.82
N ASN B 4 4.05 -17.10 -22.56
CA ASN B 4 5.30 -16.65 -21.97
C ASN B 4 5.09 -15.25 -21.39
N ILE B 5 5.55 -15.05 -20.15
CA ILE B 5 5.29 -13.81 -19.44
C ILE B 5 6.59 -13.33 -18.80
N VAL B 6 6.86 -12.03 -18.91
CA VAL B 6 7.90 -11.36 -18.16
C VAL B 6 7.21 -10.28 -17.33
N ALA B 7 7.22 -10.45 -16.01
CA ALA B 7 6.55 -9.54 -15.09
C ALA B 7 7.60 -8.78 -14.30
N GLY B 8 7.64 -7.46 -14.48
CA GLY B 8 8.59 -6.63 -13.78
C GLY B 8 8.07 -6.17 -12.44
N ASN B 9 8.70 -6.64 -11.37
CA ASN B 9 8.37 -6.24 -10.00
C ASN B 9 9.40 -5.18 -9.58
N TRP B 10 8.99 -3.91 -9.64
CA TRP B 10 9.89 -2.85 -9.22
C TRP B 10 10.16 -2.90 -7.71
N LYS B 11 9.29 -3.54 -6.95
CA LYS B 11 9.35 -3.49 -5.48
C LYS B 11 9.24 -2.02 -5.06
N MET B 12 9.81 -1.64 -3.92
CA MET B 12 9.70 -0.27 -3.42
C MET B 12 10.85 0.56 -3.96
N ASN B 13 10.76 0.87 -5.25
CA ASN B 13 11.80 1.62 -5.93
C ASN B 13 11.19 2.62 -6.92
N LEU B 14 11.83 3.78 -7.00
CA LEU B 14 11.60 4.79 -8.02
C LEU B 14 10.53 5.81 -7.65
N ASN B 15 10.89 7.09 -7.74
CA ASN B 15 9.93 8.17 -7.54
C ASN B 15 9.22 8.45 -8.86
N PHE B 16 8.41 9.52 -8.90
CA PHE B 16 7.60 9.79 -10.08
C PHE B 16 8.47 10.00 -11.32
N GLU B 17 9.46 10.89 -11.23
CA GLU B 17 10.28 11.18 -12.40
C GLU B 17 11.00 9.92 -12.90
N GLU B 18 11.55 9.13 -11.97
CA GLU B 18 12.32 7.95 -12.37
C GLU B 18 11.42 6.89 -12.99
N GLY B 19 10.22 6.71 -12.44
CA GLY B 19 9.29 5.74 -13.02
C GLY B 19 8.85 6.11 -14.42
N GLN B 20 8.69 7.41 -14.68
CA GLN B 20 8.30 7.84 -16.02
C GLN B 20 9.41 7.57 -17.03
N LYS B 21 10.65 7.88 -16.67
CA LYS B 21 11.77 7.62 -17.58
C LYS B 21 11.86 6.14 -17.91
N LEU B 22 11.81 5.28 -16.88
CA LEU B 22 11.89 3.85 -17.10
C LEU B 22 10.76 3.37 -18.00
N THR B 23 9.53 3.77 -17.67
CA THR B 23 8.37 3.29 -18.43
C THR B 23 8.47 3.73 -19.89
N SER B 24 8.76 5.00 -20.13
CA SER B 24 8.81 5.52 -21.49
C SER B 24 9.83 4.77 -22.33
N GLU B 25 10.97 4.40 -21.73
CA GLU B 25 11.97 3.64 -22.47
C GLU B 25 11.47 2.24 -22.81
N ILE B 26 10.77 1.60 -21.87
CA ILE B 26 10.27 0.24 -22.12
C ILE B 26 9.18 0.27 -23.18
N VAL B 27 8.24 1.22 -23.07
CA VAL B 27 7.15 1.29 -24.03
C VAL B 27 7.68 1.55 -25.43
N ASN B 28 8.59 2.52 -25.57
CA ASN B 28 9.16 2.82 -26.88
C ASN B 28 9.79 1.59 -27.50
N MET B 29 10.60 0.86 -26.73
CA MET B 29 11.29 -0.30 -27.27
C MET B 29 10.31 -1.42 -27.59
N ILE B 30 9.27 -1.58 -26.77
CA ILE B 30 8.30 -2.64 -27.02
C ILE B 30 7.44 -2.30 -28.25
N ARG B 31 7.10 -1.02 -28.42
CA ARG B 31 6.29 -0.64 -29.57
C ARG B 31 7.09 -0.76 -30.86
N ASP B 32 8.42 -0.57 -30.81
CA ASP B 32 9.22 -0.59 -32.01
C ASP B 32 9.65 -2.00 -32.39
N GLU B 33 9.95 -2.83 -31.39
CA GLU B 33 10.42 -4.19 -31.66
C GLU B 33 9.29 -5.19 -31.87
N ASN B 34 8.05 -4.82 -31.55
CA ASN B 34 6.87 -5.63 -31.82
C ASN B 34 7.12 -7.10 -31.49
N ILE B 35 7.42 -7.36 -30.22
CA ILE B 35 7.59 -8.73 -29.76
C ILE B 35 6.23 -9.43 -29.77
N LYS B 36 6.18 -10.59 -30.42
CA LYS B 36 4.90 -11.20 -30.76
C LYS B 36 4.32 -12.04 -29.63
N ASP B 37 5.09 -13.01 -29.13
CA ASP B 37 4.56 -14.07 -28.28
C ASP B 37 5.06 -14.01 -26.85
N VAL B 38 5.10 -12.82 -26.27
CA VAL B 38 5.46 -12.65 -24.86
C VAL B 38 4.61 -11.55 -24.26
N SER B 39 3.95 -11.85 -23.15
CA SER B 39 3.18 -10.87 -22.40
C SER B 39 4.10 -10.21 -21.38
N VAL B 40 4.20 -8.88 -21.44
CA VAL B 40 5.03 -8.10 -20.51
C VAL B 40 4.12 -7.39 -19.53
N VAL B 41 4.49 -7.42 -18.25
CA VAL B 41 3.70 -6.81 -17.19
C VAL B 41 4.63 -5.93 -16.37
N LEU B 42 4.26 -4.66 -16.22
CA LEU B 42 4.95 -3.73 -15.34
C LEU B 42 4.19 -3.70 -14.01
N ASN B 43 4.89 -4.01 -12.92
CA ASN B 43 4.31 -4.03 -11.57
C ASN B 43 4.99 -2.97 -10.73
N PRO B 44 4.69 -1.69 -10.97
CA PRO B 44 5.29 -0.62 -10.18
C PRO B 44 4.55 -0.43 -8.87
N PRO B 45 5.10 0.37 -7.96
CA PRO B 45 4.35 0.69 -6.74
C PRO B 45 3.00 1.29 -7.05
N TYR B 46 2.10 1.23 -6.06
CA TYR B 46 0.73 1.70 -6.24
C TYR B 46 0.70 3.10 -6.86
N VAL B 47 1.53 4.01 -6.32
CA VAL B 47 1.44 5.41 -6.71
C VAL B 47 1.74 5.61 -8.19
N HIS B 48 2.40 4.65 -8.83
CA HIS B 48 2.81 4.81 -10.22
C HIS B 48 1.77 4.35 -11.22
N LEU B 49 0.75 3.59 -10.79
CA LEU B 49 -0.10 2.90 -11.74
C LEU B 49 -0.75 3.86 -12.72
N HIS B 50 -1.25 4.99 -12.22
CA HIS B 50 -1.97 5.92 -13.09
C HIS B 50 -1.08 6.48 -14.20
N PRO B 51 0.05 7.11 -13.89
CA PRO B 51 0.90 7.62 -14.99
C PRO B 51 1.55 6.53 -15.83
N VAL B 52 1.91 5.40 -15.22
CA VAL B 52 2.45 4.29 -15.99
C VAL B 52 1.40 3.76 -16.96
N LYS B 53 0.16 3.60 -16.48
CA LYS B 53 -0.93 3.22 -17.37
C LYS B 53 -0.99 4.14 -18.58
N LYS B 54 -0.85 5.46 -18.37
CA LYS B 54 -0.94 6.41 -19.47
C LYS B 54 0.17 6.18 -20.49
N LEU B 55 1.41 5.97 -20.01
CA LEU B 55 2.52 5.76 -20.94
C LEU B 55 2.32 4.50 -21.76
N ILE B 56 1.86 3.42 -21.13
CA ILE B 56 1.58 2.18 -21.87
C ILE B 56 0.62 2.47 -23.01
N GLY B 57 -0.43 3.22 -22.73
CA GLY B 57 -1.43 3.48 -23.75
C GLY B 57 -1.98 2.19 -24.31
N ASN B 58 -2.09 2.14 -25.64
CA ASN B 58 -2.62 0.98 -26.34
C ASN B 58 -1.52 0.09 -26.91
N THR B 59 -0.36 0.05 -26.25
CA THR B 59 0.71 -0.84 -26.65
C THR B 59 0.25 -2.29 -26.55
N ALA B 60 0.54 -3.07 -27.58
CA ALA B 60 0.13 -4.46 -27.62
C ALA B 60 1.07 -5.32 -26.79
N GLY B 61 0.49 -6.26 -26.04
CA GLY B 61 1.26 -7.18 -25.24
C GLY B 61 1.88 -6.59 -23.98
N LEU B 62 1.67 -5.31 -23.71
CA LEU B 62 2.20 -4.66 -22.52
C LEU B 62 1.05 -4.37 -21.56
N PHE B 63 1.20 -4.82 -20.32
CA PHE B 63 0.11 -4.80 -19.35
C PHE B 63 0.59 -4.20 -18.04
N LEU B 64 -0.38 -3.64 -17.30
CA LEU B 64 -0.12 -3.06 -15.99
C LEU B 64 -0.55 -4.04 -14.91
N GLY B 65 0.30 -4.21 -13.90
CA GLY B 65 -0.03 -5.05 -12.78
C GLY B 65 -0.10 -4.28 -11.49
N ALA B 66 0.45 -4.87 -10.42
CA ALA B 66 0.48 -4.28 -9.10
C ALA B 66 1.18 -5.28 -8.20
N GLN B 67 1.67 -4.80 -7.05
CA GLN B 67 2.51 -5.60 -6.17
C GLN B 67 1.74 -6.24 -5.02
N ASN B 68 0.47 -5.89 -4.81
CA ASN B 68 -0.31 -6.42 -3.72
C ASN B 68 -1.72 -5.86 -3.80
N CYS B 69 -2.65 -6.53 -3.14
CA CYS B 69 -4.02 -6.04 -3.03
C CYS B 69 -4.64 -6.61 -1.76
N SER B 70 -5.70 -5.93 -1.31
CA SER B 70 -6.39 -6.34 -0.09
C SER B 70 -7.20 -7.61 -0.33
N ASP B 71 -7.42 -8.37 0.75
CA ASP B 71 -8.36 -9.47 0.70
C ASP B 71 -9.80 -8.99 0.90
N LYS B 72 -10.00 -7.72 1.22
CA LYS B 72 -11.31 -7.12 1.41
C LYS B 72 -11.71 -6.33 0.18
N THR B 73 -13.03 -6.17 0.01
CA THR B 73 -13.54 -5.41 -1.13
C THR B 73 -13.34 -3.91 -0.92
N SER B 74 -13.62 -3.41 0.27
CA SER B 74 -13.60 -1.98 0.57
C SER B 74 -13.90 -1.81 2.04
N GLY B 75 -13.59 -0.62 2.57
CA GLY B 75 -13.98 -0.28 3.91
C GLY B 75 -12.91 0.31 4.80
N ALA B 76 -13.01 0.03 6.10
CA ALA B 76 -12.17 0.68 7.11
C ALA B 76 -10.84 -0.06 7.23
N TYR B 77 -10.02 0.11 6.19
CA TYR B 77 -8.71 -0.53 6.12
C TYR B 77 -7.70 0.52 5.63
N THR B 78 -7.48 1.53 6.48
CA THR B 78 -6.58 2.62 6.16
C THR B 78 -5.24 2.09 5.66
N GLY B 79 -4.77 2.65 4.55
CA GLY B 79 -3.50 2.29 3.98
C GLY B 79 -3.52 1.15 2.98
N GLU B 80 -4.65 0.48 2.82
CA GLU B 80 -4.76 -0.69 1.95
C GLU B 80 -5.40 -0.31 0.62
N ILE B 81 -5.12 -1.14 -0.38
CA ILE B 81 -5.57 -0.94 -1.75
C ILE B 81 -6.38 -2.15 -2.16
N SER B 82 -7.58 -1.92 -2.70
CA SER B 82 -8.45 -3.01 -3.08
C SER B 82 -8.26 -3.39 -4.54
N ALA B 83 -8.68 -4.62 -4.88
CA ALA B 83 -8.59 -5.08 -6.25
C ALA B 83 -9.41 -4.21 -7.18
N SER B 84 -10.61 -3.79 -6.73
CA SER B 84 -11.44 -2.93 -7.56
C SER B 84 -10.73 -1.62 -7.87
N MET B 85 -9.96 -1.08 -6.92
CA MET B 85 -9.17 0.11 -7.19
C MET B 85 -8.15 -0.16 -8.29
N LEU B 86 -7.43 -1.27 -8.18
CA LEU B 86 -6.40 -1.60 -9.16
C LEU B 86 -7.01 -1.67 -10.56
N ALA B 87 -8.08 -2.46 -10.72
CA ALA B 87 -8.73 -2.55 -12.03
C ALA B 87 -9.14 -1.17 -12.54
N SER B 88 -9.67 -0.33 -11.66
CA SER B 88 -10.14 0.98 -12.09
C SER B 88 -9.01 1.81 -12.65
N PHE B 89 -7.78 1.61 -12.17
CA PHE B 89 -6.62 2.37 -12.62
C PHE B 89 -5.88 1.68 -13.76
N GLY B 90 -6.44 0.64 -14.35
CA GLY B 90 -5.85 -0.01 -15.50
C GLY B 90 -5.02 -1.23 -15.22
N SER B 91 -5.04 -1.74 -13.99
CA SER B 91 -4.34 -2.98 -13.68
C SER B 91 -5.14 -4.16 -14.22
N THR B 92 -4.42 -5.14 -14.78
CA THR B 92 -4.99 -6.43 -15.16
C THR B 92 -4.25 -7.60 -14.54
N PHE B 93 -3.13 -7.35 -13.86
CA PHE B 93 -2.42 -8.35 -13.08
C PHE B 93 -2.27 -7.84 -11.66
N VAL B 94 -1.94 -8.75 -10.75
CA VAL B 94 -1.66 -8.38 -9.37
C VAL B 94 -0.78 -9.48 -8.75
N ILE B 95 0.39 -9.08 -8.24
CA ILE B 95 1.22 -10.02 -7.52
C ILE B 95 0.60 -10.30 -6.15
N ILE B 96 0.47 -11.57 -5.81
CA ILE B 96 -0.12 -11.99 -4.56
C ILE B 96 0.83 -12.97 -3.88
N GLY B 97 1.15 -12.70 -2.61
CA GLY B 97 1.91 -13.64 -1.81
C GLY B 97 3.41 -13.61 -2.03
N HIS B 98 3.97 -12.48 -2.44
CA HIS B 98 5.40 -12.40 -2.64
C HIS B 98 6.13 -12.75 -1.35
N SER B 99 7.29 -13.39 -1.48
CA SER B 99 8.06 -13.81 -0.31
C SER B 99 8.24 -12.66 0.67
N GLU B 100 8.48 -11.45 0.16
CA GLU B 100 8.74 -10.30 1.01
C GLU B 100 7.52 -9.87 1.80
N ARG B 101 6.31 -10.17 1.33
CA ARG B 101 5.11 -9.88 2.11
C ARG B 101 4.78 -11.00 3.08
N ARG B 102 4.93 -12.25 2.65
CA ARG B 102 4.85 -13.37 3.58
C ARG B 102 5.79 -13.15 4.76
N GLU B 103 6.96 -12.57 4.50
CA GLU B 103 7.99 -12.43 5.53
C GLU B 103 7.68 -11.26 6.47
N TYR B 104 7.56 -10.06 5.92
CA TYR B 104 7.46 -8.87 6.75
C TYR B 104 6.05 -8.60 7.26
N PHE B 105 5.03 -9.13 6.60
CA PHE B 105 3.65 -8.89 6.98
C PHE B 105 2.89 -10.18 7.28
N LYS B 106 3.59 -11.32 7.26
CA LYS B 106 3.06 -12.58 7.79
C LYS B 106 1.76 -12.96 7.09
N GLU B 107 1.71 -12.71 5.78
CA GLU B 107 0.57 -13.12 4.97
C GLU B 107 0.52 -14.64 4.91
N ASP B 108 -0.52 -15.22 5.51
CA ASP B 108 -0.65 -16.67 5.55
C ASP B 108 -1.52 -17.15 4.39
N SER B 109 -1.69 -18.46 4.29
CA SER B 109 -2.37 -19.02 3.12
C SER B 109 -3.82 -18.56 3.05
N ALA B 110 -4.49 -18.46 4.20
CA ALA B 110 -5.88 -18.01 4.20
C ALA B 110 -5.99 -16.59 3.64
N LEU B 111 -5.10 -15.70 4.07
CA LEU B 111 -5.16 -14.32 3.59
C LEU B 111 -4.94 -14.27 2.07
N LEU B 112 -3.98 -15.05 1.57
CA LEU B 112 -3.68 -15.01 0.14
C LEU B 112 -4.86 -15.50 -0.69
N THR B 113 -5.65 -16.45 -0.18
CA THR B 113 -6.84 -16.85 -0.90
C THR B 113 -7.84 -15.71 -0.99
N GLY B 114 -8.06 -15.00 0.12
CA GLY B 114 -8.93 -13.84 0.09
C GLY B 114 -8.49 -12.82 -0.95
N LYS B 115 -7.18 -12.58 -1.04
CA LYS B 115 -6.66 -11.71 -2.08
C LYS B 115 -6.98 -12.27 -3.46
N LEU B 116 -6.75 -13.57 -3.65
CA LEU B 116 -7.05 -14.21 -4.93
C LEU B 116 -8.50 -13.99 -5.32
N THR B 117 -9.42 -14.17 -4.37
CA THR B 117 -10.84 -13.97 -4.64
C THR B 117 -11.10 -12.53 -5.10
N GLN B 118 -10.48 -11.56 -4.43
CA GLN B 118 -10.65 -10.17 -4.83
C GLN B 118 -10.10 -9.92 -6.23
N ALA B 119 -8.88 -10.42 -6.50
CA ALA B 119 -8.31 -10.27 -7.84
C ALA B 119 -9.22 -10.87 -8.89
N LEU B 120 -9.60 -12.14 -8.73
CA LEU B 120 -10.46 -12.78 -9.72
C LEU B 120 -11.79 -12.07 -9.86
N GLU B 121 -12.41 -11.72 -8.72
CA GLU B 121 -13.67 -10.98 -8.74
C GLU B 121 -13.57 -9.71 -9.57
N ASN B 122 -12.39 -9.09 -9.63
CA ASN B 122 -12.21 -7.80 -10.26
C ASN B 122 -11.39 -7.89 -11.54
N GLY B 123 -11.39 -9.06 -12.18
CA GLY B 123 -10.80 -9.19 -13.49
C GLY B 123 -9.30 -9.07 -13.54
N LEU B 124 -8.61 -9.39 -12.46
CA LEU B 124 -7.16 -9.32 -12.40
C LEU B 124 -6.58 -10.72 -12.53
N THR B 125 -5.48 -10.84 -13.26
CA THR B 125 -4.77 -12.11 -13.36
C THR B 125 -3.79 -12.18 -12.19
N PRO B 126 -4.06 -12.97 -11.16
CA PRO B 126 -3.12 -13.05 -10.02
C PRO B 126 -1.81 -13.72 -10.41
N ILE B 127 -0.72 -13.14 -9.95
CA ILE B 127 0.60 -13.78 -10.01
C ILE B 127 0.82 -14.30 -8.59
N PHE B 128 0.48 -15.56 -8.37
CA PHE B 128 0.57 -16.14 -7.03
C PHE B 128 1.98 -16.68 -6.81
N CYS B 129 2.66 -16.13 -5.80
CA CYS B 129 4.06 -16.47 -5.52
C CYS B 129 4.12 -17.55 -4.44
N CYS B 130 4.91 -18.58 -4.72
CA CYS B 130 5.23 -19.62 -3.76
C CYS B 130 6.76 -19.74 -3.69
N GLY B 131 7.24 -20.51 -2.73
CA GLY B 131 8.66 -20.73 -2.59
C GLY B 131 9.04 -21.04 -1.16
N GLU B 132 10.13 -21.80 -1.02
CA GLU B 132 10.60 -22.28 0.27
C GLU B 132 11.90 -21.58 0.65
N SER B 133 12.05 -21.31 1.94
CA SER B 133 13.24 -20.65 2.46
C SER B 133 14.33 -21.68 2.74
N LEU B 134 15.49 -21.20 3.21
CA LEU B 134 16.66 -22.07 3.32
C LEU B 134 16.44 -23.18 4.35
N ASP B 135 15.71 -22.90 5.43
CA ASP B 135 15.45 -23.94 6.42
C ASP B 135 14.73 -25.12 5.78
N ILE B 136 13.77 -24.83 4.90
CA ILE B 136 13.00 -25.90 4.27
C ILE B 136 13.91 -26.77 3.41
N ARG B 137 14.80 -26.13 2.64
CA ARG B 137 15.78 -26.88 1.86
C ARG B 137 16.66 -27.74 2.76
N GLU B 138 17.21 -27.13 3.81
CA GLU B 138 18.06 -27.87 4.74
C GLU B 138 17.31 -29.02 5.40
N ALA B 139 15.98 -28.97 5.45
CA ALA B 139 15.20 -30.09 5.94
C ALA B 139 14.86 -31.09 4.85
N GLY B 140 15.17 -30.78 3.60
CA GLY B 140 14.87 -31.67 2.50
C GLY B 140 13.40 -31.81 2.17
N THR B 141 12.56 -30.93 2.68
CA THR B 141 11.12 -30.98 2.47
C THR B 141 10.65 -29.89 1.51
N HIS B 142 11.49 -29.51 0.55
CA HIS B 142 11.20 -28.36 -0.29
C HIS B 142 10.03 -28.63 -1.23
N GLU B 143 10.01 -29.80 -1.88
CA GLU B 143 8.95 -30.08 -2.83
C GLU B 143 7.60 -30.23 -2.14
N GLU B 144 7.58 -30.86 -0.96
CA GLU B 144 6.32 -30.96 -0.22
C GLU B 144 5.86 -29.60 0.29
N TYR B 145 6.81 -28.76 0.72
CA TYR B 145 6.46 -27.46 1.29
C TYR B 145 5.83 -26.54 0.25
N VAL B 146 6.38 -26.53 -0.97
CA VAL B 146 5.83 -25.66 -2.00
C VAL B 146 4.51 -26.20 -2.52
N LYS B 147 4.42 -27.51 -2.74
CA LYS B 147 3.13 -28.11 -3.10
C LYS B 147 2.10 -27.87 -2.01
N GLN B 148 2.54 -27.87 -0.74
CA GLN B 148 1.63 -27.56 0.36
C GLN B 148 1.12 -26.12 0.26
N GLN B 149 2.01 -25.18 -0.07
CA GLN B 149 1.58 -23.80 -0.27
C GLN B 149 0.50 -23.73 -1.36
N LEU B 150 0.72 -24.43 -2.47
CA LEU B 150 -0.23 -24.39 -3.56
C LEU B 150 -1.57 -25.02 -3.17
N THR B 151 -1.51 -26.16 -2.47
CA THR B 151 -2.74 -26.83 -2.07
C THR B 151 -3.61 -25.92 -1.21
N GLU B 152 -3.01 -25.27 -0.22
CA GLU B 152 -3.81 -24.54 0.76
C GLU B 152 -4.43 -23.28 0.16
N SER B 153 -3.77 -22.65 -0.81
CA SER B 153 -4.26 -21.39 -1.37
C SER B 153 -5.03 -21.55 -2.68
N LEU B 154 -4.78 -22.60 -3.45
CA LEU B 154 -5.31 -22.70 -4.79
C LEU B 154 -6.33 -23.81 -4.99
N PHE B 155 -6.27 -24.88 -4.21
CA PHE B 155 -7.14 -26.03 -4.46
C PHE B 155 -8.56 -25.82 -3.97
N GLY B 156 -8.90 -24.61 -3.54
CA GLY B 156 -10.30 -24.25 -3.37
C GLY B 156 -10.92 -23.62 -4.59
N LEU B 157 -10.12 -23.38 -5.63
CA LEU B 157 -10.58 -22.67 -6.81
C LEU B 157 -11.33 -23.61 -7.76
N SER B 158 -12.34 -23.07 -8.41
CA SER B 158 -13.06 -23.79 -9.45
C SER B 158 -12.11 -24.08 -10.61
N ALA B 159 -12.59 -24.93 -11.53
CA ALA B 159 -11.82 -25.20 -12.74
C ALA B 159 -11.66 -23.95 -13.59
N THR B 160 -12.68 -23.08 -13.60
CA THR B 160 -12.62 -21.86 -14.40
C THR B 160 -11.80 -20.77 -13.70
N ASP B 161 -11.81 -20.73 -12.36
CA ASP B 161 -10.98 -19.76 -11.65
C ASP B 161 -9.52 -20.19 -11.65
N PHE B 162 -9.25 -21.49 -11.62
CA PHE B 162 -7.85 -21.94 -11.68
C PHE B 162 -7.21 -21.55 -13.01
N ALA B 163 -7.95 -21.67 -14.11
CA ALA B 163 -7.40 -21.34 -15.41
C ALA B 163 -7.05 -19.87 -15.56
N LYS B 164 -7.40 -19.03 -14.59
CA LYS B 164 -7.17 -17.60 -14.65
C LYS B 164 -5.88 -17.18 -13.95
N ILE B 165 -5.15 -18.09 -13.32
CA ILE B 165 -4.06 -17.71 -12.43
C ILE B 165 -2.73 -17.94 -13.12
N VAL B 166 -1.72 -17.20 -12.64
CA VAL B 166 -0.32 -17.41 -13.00
C VAL B 166 0.45 -17.66 -11.72
N ILE B 167 1.45 -18.56 -11.80
CA ILE B 167 2.26 -18.93 -10.65
C ILE B 167 3.67 -18.37 -10.83
N ALA B 168 4.28 -17.94 -9.74
CA ALA B 168 5.69 -17.57 -9.72
C ALA B 168 6.36 -18.34 -8.60
N TYR B 169 7.43 -19.06 -8.93
CA TYR B 169 8.20 -19.80 -7.92
C TYR B 169 9.40 -18.96 -7.52
N GLU B 170 9.50 -18.67 -6.22
CA GLU B 170 10.64 -17.93 -5.69
C GLU B 170 11.55 -18.87 -4.91
N PRO B 171 12.74 -19.19 -5.41
CA PRO B 171 13.68 -19.94 -4.57
C PRO B 171 14.23 -19.06 -3.46
N ILE B 172 13.41 -18.82 -2.44
CA ILE B 172 13.82 -17.95 -1.33
C ILE B 172 15.16 -18.42 -0.76
N TRP B 173 15.34 -19.73 -0.69
CA TRP B 173 16.57 -20.31 -0.16
C TRP B 173 17.81 -19.90 -0.95
N ALA B 174 17.62 -19.42 -2.19
CA ALA B 174 18.74 -19.14 -3.07
C ALA B 174 18.93 -17.65 -3.33
N ILE B 175 18.39 -16.79 -2.47
CA ILE B 175 18.43 -15.35 -2.67
C ILE B 175 19.09 -14.74 -1.43
N GLY B 176 20.34 -14.32 -1.57
CA GLY B 176 21.08 -13.70 -0.49
C GLY B 176 21.58 -14.64 0.57
N THR B 177 21.59 -15.94 0.31
CA THR B 177 21.97 -16.93 1.31
C THR B 177 23.39 -17.46 1.12
N GLY B 178 23.98 -17.27 -0.06
CA GLY B 178 25.19 -17.97 -0.43
C GLY B 178 24.93 -19.26 -1.16
N LYS B 179 23.72 -19.80 -1.11
CA LYS B 179 23.32 -20.92 -1.93
C LYS B 179 22.76 -20.40 -3.25
N THR B 180 22.98 -21.18 -4.31
CA THR B 180 22.56 -20.82 -5.65
C THR B 180 21.65 -21.90 -6.22
N ALA B 181 20.69 -21.48 -7.03
CA ALA B 181 19.76 -22.37 -7.70
C ALA B 181 20.12 -22.43 -9.18
N SER B 182 20.32 -23.64 -9.69
CA SER B 182 20.63 -23.84 -11.10
C SER B 182 19.34 -23.89 -11.91
N SER B 183 19.48 -23.68 -13.22
CA SER B 183 18.33 -23.75 -14.11
C SER B 183 17.71 -25.15 -14.08
N ASP B 184 18.51 -26.18 -13.79
CA ASP B 184 17.96 -27.51 -13.62
C ASP B 184 17.12 -27.58 -12.35
N GLN B 185 17.59 -26.96 -11.27
CA GLN B 185 16.80 -26.93 -10.04
C GLN B 185 15.52 -26.11 -10.20
N ALA B 186 15.56 -25.06 -11.02
CA ALA B 186 14.34 -24.32 -11.31
C ALA B 186 13.38 -25.17 -12.12
N GLN B 187 13.88 -25.85 -13.17
CA GLN B 187 13.05 -26.77 -13.92
C GLN B 187 12.49 -27.87 -13.03
N GLU B 188 13.30 -28.35 -12.08
CA GLU B 188 12.84 -29.41 -11.18
C GLU B 188 11.67 -28.94 -10.33
N MET B 189 11.76 -27.73 -9.78
CA MET B 189 10.65 -27.22 -8.97
C MET B 189 9.45 -26.89 -9.84
N HIS B 190 9.67 -26.30 -11.01
CA HIS B 190 8.54 -25.95 -11.87
C HIS B 190 7.76 -27.19 -12.29
N ALA B 191 8.47 -28.24 -12.70
CA ALA B 191 7.80 -29.48 -13.06
C ALA B 191 7.06 -30.08 -11.88
N ALA B 192 7.66 -30.02 -10.68
CA ALA B 192 6.97 -30.49 -9.48
C ALA B 192 5.68 -29.72 -9.26
N ILE B 193 5.68 -28.43 -9.56
CA ILE B 193 4.47 -27.63 -9.44
C ILE B 193 3.43 -28.08 -10.47
N ARG B 194 3.82 -28.14 -11.75
CA ARG B 194 2.85 -28.45 -12.79
C ARG B 194 2.24 -29.82 -12.57
N THR B 195 3.06 -30.82 -12.23
CA THR B 195 2.52 -32.14 -11.96
C THR B 195 1.55 -32.11 -10.79
N HIS B 196 1.84 -31.30 -9.77
CA HIS B 196 0.94 -31.19 -8.63
C HIS B 196 -0.39 -30.57 -9.03
N LEU B 197 -0.35 -29.49 -9.83
CA LEU B 197 -1.58 -28.87 -10.27
C LEU B 197 -2.36 -29.81 -11.20
N ALA B 198 -1.65 -30.57 -12.04
CA ALA B 198 -2.32 -31.52 -12.92
C ALA B 198 -3.02 -32.61 -12.12
N SER B 199 -2.47 -32.97 -10.96
CA SER B 199 -3.09 -34.01 -10.14
C SER B 199 -4.52 -33.63 -9.75
N LYS B 200 -4.79 -32.33 -9.62
CA LYS B 200 -6.12 -31.87 -9.25
C LYS B 200 -6.96 -31.48 -10.47
N TYR B 201 -6.42 -30.64 -11.35
CA TYR B 201 -7.20 -30.03 -12.42
C TYR B 201 -7.05 -30.75 -13.76
N GLY B 202 -6.20 -31.77 -13.82
CA GLY B 202 -5.97 -32.44 -15.09
C GLY B 202 -4.77 -31.86 -15.82
N GLN B 203 -4.15 -32.69 -16.66
CA GLN B 203 -2.91 -32.27 -17.31
C GLN B 203 -3.15 -31.12 -18.28
N ALA B 204 -4.27 -31.16 -19.00
CA ALA B 204 -4.56 -30.11 -19.97
C ALA B 204 -4.66 -28.75 -19.29
N ALA B 205 -5.34 -28.70 -18.13
CA ALA B 205 -5.44 -27.44 -17.40
C ALA B 205 -4.08 -27.00 -16.86
N ALA B 206 -3.33 -27.95 -16.27
CA ALA B 206 -2.00 -27.61 -15.78
C ALA B 206 -1.09 -27.16 -16.91
N ASP B 207 -1.28 -27.70 -18.12
CA ASP B 207 -0.44 -27.36 -19.24
C ASP B 207 -0.73 -25.98 -19.81
N GLU B 208 -1.79 -25.31 -19.34
CA GLU B 208 -2.09 -23.95 -19.79
C GLU B 208 -1.63 -22.88 -18.79
N ILE B 209 -1.24 -23.28 -17.58
CA ILE B 209 -0.88 -22.31 -16.55
C ILE B 209 0.56 -21.86 -16.78
N SER B 210 0.79 -20.55 -16.71
CA SER B 210 2.13 -20.00 -16.79
C SER B 210 2.78 -20.04 -15.41
N ILE B 211 3.91 -20.73 -15.31
CA ILE B 211 4.69 -20.81 -14.08
C ILE B 211 5.97 -20.05 -14.31
N LEU B 212 6.14 -18.92 -13.63
CA LEU B 212 7.27 -18.03 -13.84
C LEU B 212 8.33 -18.25 -12.77
N TYR B 213 9.59 -18.19 -13.18
CA TYR B 213 10.70 -18.27 -12.23
C TYR B 213 10.90 -16.92 -11.57
N GLY B 214 10.93 -16.92 -10.24
CA GLY B 214 11.04 -15.69 -9.48
C GLY B 214 12.34 -15.57 -8.71
N GLY B 215 13.32 -16.41 -9.05
CA GLY B 215 14.66 -16.28 -8.51
C GLY B 215 15.46 -15.26 -9.27
N SER B 216 16.76 -15.22 -8.96
CA SER B 216 17.68 -14.32 -9.64
C SER B 216 17.60 -14.53 -11.14
N CYS B 217 16.98 -13.58 -11.85
CA CYS B 217 16.72 -13.70 -13.28
C CYS B 217 17.12 -12.40 -13.95
N ASN B 218 18.11 -12.48 -14.84
CA ASN B 218 18.76 -11.31 -15.39
C ASN B 218 19.15 -11.60 -16.82
N PRO B 219 19.61 -10.59 -17.57
CA PRO B 219 20.01 -10.85 -18.97
C PRO B 219 21.04 -11.95 -19.11
N GLY B 220 21.85 -12.18 -18.09
CA GLY B 220 22.88 -13.20 -18.20
C GLY B 220 22.32 -14.61 -18.27
N ASN B 221 21.33 -14.90 -17.43
CA ASN B 221 20.82 -16.27 -17.27
C ASN B 221 19.40 -16.45 -17.76
N ALA B 222 18.78 -15.42 -18.35
CA ALA B 222 17.37 -15.51 -18.72
C ALA B 222 17.13 -16.56 -19.80
N LYS B 223 17.98 -16.60 -20.83
CA LYS B 223 17.76 -17.54 -21.91
C LYS B 223 17.81 -18.99 -21.42
N GLU B 224 18.78 -19.31 -20.56
CA GLU B 224 18.90 -20.68 -20.06
C GLU B 224 17.72 -21.05 -19.20
N ILE B 225 17.28 -20.13 -18.34
CA ILE B 225 16.13 -20.41 -17.46
C ILE B 225 14.86 -20.57 -18.29
N PHE B 226 14.62 -19.64 -19.21
CA PHE B 226 13.42 -19.71 -20.04
C PHE B 226 13.46 -20.90 -20.98
N SER B 227 14.65 -21.43 -21.27
CA SER B 227 14.75 -22.58 -22.16
C SER B 227 14.11 -23.83 -21.56
N LYS B 228 13.93 -23.86 -20.24
CA LYS B 228 13.39 -25.05 -19.61
C LYS B 228 11.91 -25.21 -19.95
N PRO B 229 11.44 -26.44 -20.17
CA PRO B 229 10.08 -26.62 -20.71
C PRO B 229 8.98 -26.16 -19.78
N ASP B 230 9.17 -26.26 -18.47
CA ASP B 230 8.14 -25.88 -17.51
C ASP B 230 8.35 -24.49 -16.92
N VAL B 231 9.36 -23.75 -17.40
CA VAL B 231 9.54 -22.35 -17.03
C VAL B 231 8.95 -21.50 -18.15
N ASP B 232 7.95 -20.68 -17.80
CA ASP B 232 7.19 -19.91 -18.77
C ASP B 232 7.52 -18.42 -18.70
N GLY B 233 8.71 -18.07 -18.23
CA GLY B 233 9.09 -16.69 -18.10
C GLY B 233 9.68 -16.39 -16.74
N GLY B 234 9.51 -15.16 -16.26
CA GLY B 234 10.09 -14.77 -15.00
C GLY B 234 9.34 -13.64 -14.33
N LEU B 235 9.41 -13.62 -13.00
CA LEU B 235 9.01 -12.47 -12.19
C LEU B 235 10.30 -11.75 -11.83
N ILE B 236 10.58 -10.65 -12.52
CA ILE B 236 11.89 -10.03 -12.52
C ILE B 236 12.01 -9.06 -11.35
N GLY B 237 13.19 -9.02 -10.73
CA GLY B 237 13.44 -8.12 -9.64
C GLY B 237 14.15 -6.85 -10.07
N GLY B 238 15.42 -6.70 -9.69
CA GLY B 238 16.14 -5.46 -9.95
C GLY B 238 16.33 -5.14 -11.40
N ALA B 239 16.35 -6.14 -12.28
CA ALA B 239 16.45 -5.87 -13.71
C ALA B 239 15.21 -5.18 -14.26
N SER B 240 14.11 -5.17 -13.49
CA SER B 240 12.91 -4.45 -13.91
C SER B 240 13.18 -2.95 -14.00
N LEU B 241 14.13 -2.46 -13.21
CA LEU B 241 14.39 -1.02 -13.11
C LEU B 241 15.28 -0.50 -14.22
N LYS B 242 15.81 -1.37 -15.08
CA LYS B 242 16.67 -0.98 -16.18
C LYS B 242 15.98 -1.37 -17.48
N SER B 243 15.59 -0.36 -18.27
CA SER B 243 14.80 -0.63 -19.47
C SER B 243 15.54 -1.58 -20.41
N ARG B 244 16.85 -1.40 -20.57
CA ARG B 244 17.60 -2.25 -21.49
C ARG B 244 17.66 -3.69 -20.98
N ASP B 245 18.05 -3.87 -19.71
CA ASP B 245 18.10 -5.22 -19.14
C ASP B 245 16.74 -5.89 -19.19
N PHE B 246 15.67 -5.14 -18.89
CA PHE B 246 14.33 -5.69 -18.94
C PHE B 246 13.99 -6.18 -20.34
N LEU B 247 14.32 -5.39 -21.37
CA LEU B 247 14.04 -5.80 -22.74
C LEU B 247 14.89 -6.99 -23.14
N ASP B 248 16.14 -7.05 -22.67
CA ASP B 248 16.98 -8.21 -22.96
C ASP B 248 16.33 -9.50 -22.45
N ILE B 249 15.78 -9.45 -21.23
CA ILE B 249 15.11 -10.62 -20.68
C ILE B 249 13.89 -10.97 -21.51
N ILE B 250 13.10 -9.96 -21.87
CA ILE B 250 11.89 -10.19 -22.67
C ILE B 250 12.24 -10.91 -23.96
N LYS B 251 13.41 -10.59 -24.54
CA LYS B 251 13.85 -11.17 -25.80
C LYS B 251 14.66 -12.46 -25.61
N SER B 252 14.48 -13.16 -24.51
CA SER B 252 15.30 -14.31 -24.18
C SER B 252 14.55 -15.64 -24.29
N PHE B 253 13.43 -15.67 -25.00
CA PHE B 253 12.71 -16.92 -25.22
C PHE B 253 13.10 -17.53 -26.58
#